data_7DW0
#
_entry.id   7DW0
#
_cell.length_a   97.970
_cell.length_b   80.980
_cell.length_c   51.710
_cell.angle_alpha   90.000
_cell.angle_beta   114.600
_cell.angle_gamma   90.000
#
_symmetry.space_group_name_H-M   'C 1 2 1'
#
loop_
_entity.id
_entity.type
_entity.pdbx_description
1 polymer '3C-like proteinase'
2 polymer 'nsp14/15 peptidyl substrate'
3 water water
#
loop_
_entity_poly.entity_id
_entity_poly.type
_entity_poly.pdbx_seq_one_letter_code
_entity_poly.pdbx_strand_id
1 'polypeptide(L)'
;SGFRKMAFPSGKVEGCMVQVTCGTTTLNGLWLDDVVYCPRAVICTSEDMLNPNYEDLLIRKSNHNFLVQAGNVQLRVIGH
SMQNCVLKLKVDTANPKTPKYKFVRIQPGQTFSVLACYNGSPSGVYQCAMRPNFTIKGSFLNGSCGSVGFNIDYDCVSFC
YMHHMELPTGVHAGTDLEGNFYGPFVDRQTAQAAGTDTTITVNVLAWLYAAVINGDRWFLNRFTTTLNDFNLVAMKYNYE
PLTQDHVDILGPLSAQTGIAVLDMCASLKELLQNGMNGRTILGSALLEDEFTPFDVVRQCSGVTFQ
;
A
2 'polypeptide(L)' NLWNTFTRLQSLENVAFNVV C
#
# COMPACT_ATOMS: atom_id res chain seq x y z
N SER A 1 -9.59 -1.72 24.57
CA SER A 1 -10.75 -1.40 23.73
C SER A 1 -10.45 -0.24 22.79
N GLY A 2 -11.33 -0.06 21.82
CA GLY A 2 -11.18 0.93 20.77
C GLY A 2 -10.59 0.32 19.51
N PHE A 3 -10.81 0.99 18.39
CA PHE A 3 -10.33 0.49 17.10
C PHE A 3 -9.92 1.67 16.24
N ARG A 4 -8.65 1.68 15.82
CA ARG A 4 -8.07 2.78 15.07
C ARG A 4 -7.40 2.26 13.80
N LYS A 5 -7.29 3.13 12.80
CA LYS A 5 -6.42 2.84 11.66
C LYS A 5 -4.99 2.94 12.13
N MET A 6 -4.37 1.80 12.41
CA MET A 6 -3.08 1.75 13.06
C MET A 6 -1.98 1.31 12.10
N ALA A 7 -0.86 2.06 12.09
CA ALA A 7 0.30 1.72 11.27
C ALA A 7 1.36 1.04 12.12
N PHE A 8 2.29 0.35 11.46
CA PHE A 8 3.42 -0.17 12.18
C PHE A 8 4.35 0.97 12.58
N PRO A 9 5.05 0.81 13.72
CA PRO A 9 6.07 1.80 14.08
C PRO A 9 7.11 1.89 12.96
N SER A 10 7.50 3.12 12.63
CA SER A 10 8.24 3.36 11.39
C SER A 10 9.74 3.49 11.58
N GLY A 11 10.24 3.39 12.82
CA GLY A 11 11.66 3.62 13.07
C GLY A 11 12.60 2.84 12.16
N LYS A 12 12.35 1.53 12.04
CA LYS A 12 13.23 0.68 11.25
C LYS A 12 13.32 1.14 9.80
N VAL A 13 12.23 1.70 9.27
CA VAL A 13 12.26 2.17 7.89
C VAL A 13 12.86 3.58 7.80
N GLU A 14 12.61 4.45 8.80
CA GLU A 14 13.18 5.79 8.76
C GLU A 14 14.71 5.75 8.62
N GLY A 15 15.36 4.79 9.26
CA GLY A 15 16.80 4.71 9.18
C GLY A 15 17.34 4.25 7.83
N CYS A 16 16.46 3.93 6.89
CA CYS A 16 16.85 3.50 5.54
C CYS A 16 16.57 4.55 4.47
N MET A 17 15.95 5.66 4.82
CA MET A 17 15.51 6.61 3.81
C MET A 17 16.63 7.58 3.48
N VAL A 18 16.86 7.77 2.19
CA VAL A 18 17.88 8.68 1.66
C VAL A 18 17.28 9.52 0.53
N GLN A 19 18.04 10.50 0.10
CA GLN A 19 17.67 11.36 -1.01
C GLN A 19 18.53 10.97 -2.22
N VAL A 20 17.91 10.90 -3.39
CA VAL A 20 18.63 10.61 -4.63
C VAL A 20 18.38 11.73 -5.61
N THR A 21 19.46 12.29 -6.16
CA THR A 21 19.36 13.36 -7.15
C THR A 21 20.11 12.95 -8.40
N CYS A 22 19.50 13.20 -9.55
CA CYS A 22 20.18 13.00 -10.81
C CYS A 22 19.74 14.18 -11.66
N GLY A 23 20.68 15.05 -12.01
CA GLY A 23 20.32 16.24 -12.75
C GLY A 23 19.57 17.19 -11.86
N THR A 24 18.42 17.67 -12.32
CA THR A 24 17.57 18.54 -11.53
C THR A 24 16.38 17.79 -10.93
N THR A 25 16.40 16.46 -10.96
CA THR A 25 15.32 15.63 -10.44
C THR A 25 15.76 15.00 -9.13
N THR A 26 14.93 15.13 -8.10
CA THR A 26 15.22 14.57 -6.79
C THR A 26 14.03 13.74 -6.32
N LEU A 27 14.33 12.65 -5.61
CA LEU A 27 13.28 11.82 -5.04
C LEU A 27 13.89 11.00 -3.91
N ASN A 28 13.12 10.05 -3.37
CA ASN A 28 13.57 9.29 -2.22
C ASN A 28 14.12 7.95 -2.66
N GLY A 29 15.09 7.44 -1.88
CA GLY A 29 15.59 6.10 -2.07
C GLY A 29 15.60 5.33 -0.76
N LEU A 30 15.73 4.00 -0.90
CA LEU A 30 15.74 3.06 0.23
C LEU A 30 17.12 2.40 0.29
N TRP A 31 17.84 2.63 1.39
CA TRP A 31 19.24 2.22 1.53
C TRP A 31 19.30 1.00 2.44
N LEU A 32 19.61 -0.16 1.86
CA LEU A 32 19.69 -1.42 2.58
C LEU A 32 21.02 -2.08 2.23
N ASP A 33 21.81 -2.45 3.25
CA ASP A 33 23.16 -2.98 3.01
C ASP A 33 23.88 -1.94 2.14
N ASP A 34 24.56 -2.33 1.05
CA ASP A 34 25.30 -1.37 0.24
C ASP A 34 24.58 -1.01 -1.05
N VAL A 35 23.26 -1.07 -1.07
CA VAL A 35 22.47 -0.76 -2.26
C VAL A 35 21.41 0.27 -1.92
N VAL A 36 21.19 1.21 -2.84
CA VAL A 36 20.10 2.18 -2.74
C VAL A 36 19.10 1.89 -3.86
N TYR A 37 17.83 1.72 -3.48
CA TYR A 37 16.73 1.42 -4.40
C TYR A 37 15.88 2.68 -4.60
N CYS A 38 15.59 3.01 -5.86
CA CYS A 38 14.73 4.16 -6.12
C CYS A 38 14.01 4.01 -7.46
N PRO A 39 12.95 4.77 -7.69
CA PRO A 39 12.26 4.72 -8.98
C PRO A 39 13.20 5.13 -10.11
N ARG A 40 13.17 4.40 -11.22
CA ARG A 40 14.02 4.78 -12.35
C ARG A 40 13.63 6.13 -12.96
N ALA A 41 12.41 6.61 -12.66
CA ALA A 41 11.99 7.94 -13.11
C ALA A 41 12.95 9.05 -12.67
N VAL A 42 13.84 8.79 -11.71
CA VAL A 42 14.83 9.79 -11.32
C VAL A 42 15.73 10.21 -12.48
N ILE A 43 15.86 9.37 -13.53
CA ILE A 43 16.80 9.70 -14.61
C ILE A 43 16.11 10.43 -15.76
N CYS A 44 14.84 10.78 -15.57
CA CYS A 44 14.10 11.53 -16.57
C CYS A 44 14.09 13.02 -16.24
N THR A 45 13.80 13.82 -17.26
CA THR A 45 13.51 15.24 -17.07
C THR A 45 12.18 15.54 -17.73
N SER A 46 11.74 16.80 -17.56
CA SER A 46 10.38 17.20 -17.90
C SER A 46 9.91 16.66 -19.25
N GLU A 47 10.71 16.85 -20.29
CA GLU A 47 10.33 16.45 -21.64
C GLU A 47 10.46 14.95 -21.85
N ASP A 48 11.35 14.29 -21.10
CA ASP A 48 11.53 12.85 -21.26
C ASP A 48 10.32 12.05 -20.78
N MET A 49 9.46 12.64 -19.95
CA MET A 49 8.49 11.89 -19.17
C MET A 49 7.30 11.38 -19.98
N LEU A 50 7.00 11.98 -21.13
CA LEU A 50 5.84 11.53 -21.89
C LEU A 50 6.09 10.16 -22.50
N ASN A 51 7.24 9.98 -23.16
CA ASN A 51 7.59 8.71 -23.80
C ASN A 51 9.07 8.43 -23.59
N PRO A 52 9.50 8.18 -22.35
CA PRO A 52 10.92 7.92 -22.09
C PRO A 52 11.30 6.52 -22.53
N ASN A 53 12.51 6.38 -23.04
CA ASN A 53 13.10 5.06 -23.20
C ASN A 53 14.18 4.94 -22.14
N TYR A 54 13.88 4.18 -21.10
CA TYR A 54 14.72 4.19 -19.92
C TYR A 54 16.05 3.50 -20.16
N GLU A 55 16.11 2.49 -21.02
CA GLU A 55 17.39 1.85 -21.29
C GLU A 55 18.34 2.84 -21.95
N ASP A 56 17.84 3.61 -22.91
CA ASP A 56 18.60 4.71 -23.52
C ASP A 56 19.07 5.73 -22.47
N LEU A 57 18.14 6.22 -21.65
CA LEU A 57 18.52 7.23 -20.66
C LEU A 57 19.56 6.70 -19.68
N LEU A 58 19.50 5.41 -19.32
CA LEU A 58 20.45 4.91 -18.34
C LEU A 58 21.83 4.68 -18.94
N ILE A 59 21.89 4.25 -20.21
CA ILE A 59 23.20 4.07 -20.85
C ILE A 59 23.97 5.39 -20.91
N ARG A 60 23.26 6.51 -20.99
CA ARG A 60 23.89 7.82 -21.04
C ARG A 60 24.30 8.35 -19.66
N LYS A 61 24.16 7.55 -18.60
CA LYS A 61 24.55 7.96 -17.27
C LYS A 61 25.80 7.20 -16.82
N SER A 62 26.54 7.82 -15.90
CA SER A 62 27.62 7.15 -15.17
C SER A 62 27.37 7.30 -13.68
N ASN A 63 28.18 6.59 -12.88
CA ASN A 63 28.02 6.62 -11.42
C ASN A 63 28.01 8.05 -10.87
N HIS A 64 28.82 8.93 -11.45
CA HIS A 64 28.96 10.26 -10.86
C HIS A 64 27.76 11.17 -11.16
N ASN A 65 26.79 10.72 -11.96
CA ASN A 65 25.57 11.47 -12.18
C ASN A 65 24.53 11.30 -11.05
N PHE A 66 24.78 10.42 -10.09
CA PHE A 66 23.82 10.14 -9.02
C PHE A 66 24.36 10.67 -7.70
N LEU A 67 23.64 11.63 -7.12
CA LEU A 67 23.98 12.20 -5.84
C LEU A 67 23.06 11.56 -4.80
N VAL A 68 23.63 10.79 -3.89
CA VAL A 68 22.89 10.14 -2.82
C VAL A 68 23.29 10.79 -1.50
N GLN A 69 22.31 11.29 -0.76
CA GLN A 69 22.51 11.95 0.53
C GLN A 69 21.77 11.19 1.62
N ALA A 70 22.52 10.71 2.61
CA ALA A 70 21.99 10.06 3.79
C ALA A 70 22.14 11.05 4.95
N GLY A 71 21.10 11.85 5.17
CA GLY A 71 21.18 12.92 6.15
C GLY A 71 22.23 13.93 5.76
N ASN A 72 23.31 14.01 6.55
CA ASN A 72 24.39 14.92 6.21
C ASN A 72 25.34 14.32 5.19
N VAL A 73 25.58 13.02 5.25
CA VAL A 73 26.65 12.39 4.51
C VAL A 73 26.22 12.11 3.08
N GLN A 74 27.06 12.51 2.12
CA GLN A 74 26.90 12.06 0.75
C GLN A 74 27.49 10.66 0.61
N LEU A 75 26.76 9.77 -0.05
CA LEU A 75 27.21 8.39 -0.27
C LEU A 75 27.80 8.27 -1.67
N ARG A 76 28.90 7.54 -1.77
CA ARG A 76 29.61 7.41 -3.05
C ARG A 76 29.02 6.27 -3.86
N VAL A 77 28.52 6.58 -5.06
CA VAL A 77 27.92 5.59 -5.95
C VAL A 77 29.04 4.88 -6.73
N ILE A 78 29.10 3.56 -6.64
CA ILE A 78 30.15 2.78 -7.26
C ILE A 78 29.62 1.77 -8.26
N GLY A 79 28.31 1.77 -8.52
CA GLY A 79 27.73 0.93 -9.53
C GLY A 79 26.26 1.24 -9.68
N HIS A 80 25.70 0.99 -10.87
CA HIS A 80 24.30 1.28 -11.08
C HIS A 80 23.74 0.26 -12.06
N SER A 81 22.47 -0.07 -11.86
CA SER A 81 21.79 -0.97 -12.78
C SER A 81 20.28 -0.80 -12.61
N MET A 82 19.55 -1.32 -13.58
CA MET A 82 18.11 -1.18 -13.62
C MET A 82 17.49 -2.57 -13.47
N GLN A 83 16.48 -2.67 -12.62
CA GLN A 83 15.69 -3.89 -12.55
C GLN A 83 14.23 -3.49 -12.69
N ASN A 84 13.64 -3.76 -13.87
CA ASN A 84 12.25 -3.39 -14.15
C ASN A 84 12.12 -1.89 -13.91
N CYS A 85 11.22 -1.42 -13.06
CA CYS A 85 11.03 0.02 -12.91
C CYS A 85 11.80 0.62 -11.72
N VAL A 86 12.75 -0.11 -11.13
CA VAL A 86 13.57 0.51 -10.08
C VAL A 86 15.03 0.53 -10.51
N LEU A 87 15.78 1.51 -9.97
CA LEU A 87 17.23 1.55 -10.11
C LEU A 87 17.88 1.01 -8.85
N LYS A 88 18.98 0.27 -9.03
CA LYS A 88 19.84 -0.18 -7.94
C LYS A 88 21.17 0.58 -8.05
N LEU A 89 21.45 1.42 -7.06
CA LEU A 89 22.69 2.18 -6.99
C LEU A 89 23.56 1.55 -5.93
N LYS A 90 24.63 0.88 -6.34
CA LYS A 90 25.56 0.31 -5.38
C LYS A 90 26.41 1.43 -4.77
N VAL A 91 26.52 1.45 -3.44
CA VAL A 91 27.27 2.49 -2.77
C VAL A 91 28.42 1.85 -1.99
N ASP A 92 29.39 2.68 -1.61
CA ASP A 92 30.60 2.14 -0.98
C ASP A 92 30.47 1.96 0.52
N THR A 93 29.26 2.11 1.07
CA THR A 93 29.04 2.04 2.51
C THR A 93 27.76 1.26 2.76
N ALA A 94 27.85 0.16 3.50
CA ALA A 94 26.66 -0.55 3.92
C ALA A 94 25.93 0.26 5.00
N ASN A 95 24.61 0.29 4.93
CA ASN A 95 23.81 1.05 5.89
C ASN A 95 23.91 0.39 7.26
N PRO A 96 24.51 1.04 8.26
CA PRO A 96 24.62 0.41 9.58
C PRO A 96 23.27 0.22 10.26
N LYS A 97 22.22 0.89 9.81
CA LYS A 97 20.89 0.75 10.38
C LYS A 97 20.02 -0.26 9.62
N THR A 98 20.60 -1.05 8.72
CA THR A 98 19.79 -2.00 7.96
C THR A 98 19.08 -3.00 8.87
N PRO A 99 17.75 -3.04 8.86
CA PRO A 99 17.05 -4.07 9.63
C PRO A 99 17.09 -5.41 8.91
N LYS A 100 16.69 -6.46 9.61
CA LYS A 100 16.34 -7.67 8.88
C LYS A 100 15.15 -7.36 7.98
N TYR A 101 15.18 -7.83 6.74
CA TYR A 101 14.14 -7.42 5.82
C TYR A 101 13.93 -8.46 4.74
N LYS A 102 12.78 -8.30 4.06
CA LYS A 102 12.38 -9.12 2.91
C LYS A 102 11.70 -8.21 1.92
N PHE A 103 11.78 -8.59 0.63
CA PHE A 103 10.98 -7.99 -0.44
C PHE A 103 9.84 -8.96 -0.75
N VAL A 104 8.60 -8.55 -0.47
CA VAL A 104 7.43 -9.39 -0.67
C VAL A 104 6.45 -8.60 -1.54
N ARG A 105 5.72 -9.28 -2.40
CA ARG A 105 4.64 -8.65 -3.14
C ARG A 105 3.33 -8.99 -2.45
N ILE A 106 2.46 -8.00 -2.27
CA ILE A 106 1.18 -8.24 -1.60
C ILE A 106 0.07 -8.42 -2.62
N GLN A 107 -1.05 -8.89 -2.15
CA GLN A 107 -2.30 -9.16 -2.84
C GLN A 107 -3.28 -8.02 -2.64
N PRO A 108 -4.15 -7.76 -3.62
CA PRO A 108 -5.28 -6.87 -3.40
C PRO A 108 -6.06 -7.32 -2.17
N GLY A 109 -6.51 -6.35 -1.38
CA GLY A 109 -7.15 -6.63 -0.11
C GLY A 109 -6.21 -6.70 1.08
N GLN A 110 -4.90 -6.77 0.86
CA GLN A 110 -3.96 -6.74 1.99
C GLN A 110 -3.58 -5.30 2.31
N THR A 111 -3.23 -5.07 3.58
CA THR A 111 -2.87 -3.74 4.08
C THR A 111 -1.37 -3.62 4.31
N PHE A 112 -0.92 -2.37 4.41
CA PHE A 112 0.46 -2.08 4.72
C PHE A 112 0.56 -0.63 5.21
N SER A 113 1.69 -0.32 5.82
CA SER A 113 1.99 1.00 6.34
C SER A 113 2.83 1.74 5.29
N VAL A 114 2.53 3.02 5.11
CA VAL A 114 3.26 3.89 4.18
C VAL A 114 4.02 4.91 5.01
N LEU A 115 5.32 5.06 4.74
CA LEU A 115 6.12 6.15 5.33
C LEU A 115 6.33 7.19 4.24
N ALA A 116 5.50 8.25 4.25
CA ALA A 116 5.64 9.33 3.29
C ALA A 116 6.92 10.11 3.57
N CYS A 117 7.72 10.34 2.52
CA CYS A 117 9.01 11.01 2.65
C CYS A 117 9.15 12.07 1.56
N TYR A 118 9.91 13.12 1.90
CA TYR A 118 10.23 14.20 0.97
C TYR A 118 11.70 14.56 1.18
N ASN A 119 12.44 14.65 0.07
CA ASN A 119 13.89 14.92 0.08
C ASN A 119 14.61 13.99 1.05
N GLY A 120 14.24 12.72 1.03
CA GLY A 120 14.86 11.76 1.94
C GLY A 120 14.41 11.86 3.38
N SER A 121 13.48 12.76 3.70
CA SER A 121 13.14 13.04 5.09
C SER A 121 11.73 12.53 5.41
N PRO A 122 11.61 11.56 6.32
CA PRO A 122 10.27 11.04 6.67
C PRO A 122 9.35 12.13 7.21
N SER A 123 8.13 12.17 6.66
CA SER A 123 7.15 13.20 6.97
C SER A 123 5.91 12.70 7.72
N GLY A 124 5.41 11.50 7.41
CA GLY A 124 4.25 10.98 8.12
C GLY A 124 4.09 9.50 7.82
N VAL A 125 3.30 8.83 8.68
CA VAL A 125 3.03 7.40 8.49
C VAL A 125 1.52 7.14 8.52
N TYR A 126 1.06 6.28 7.62
CA TYR A 126 -0.35 5.93 7.63
C TYR A 126 -0.52 4.52 7.07
N GLN A 127 -1.72 3.98 7.29
CA GLN A 127 -2.07 2.63 6.86
C GLN A 127 -2.91 2.68 5.58
N CYS A 128 -2.63 1.75 4.63
CA CYS A 128 -3.23 1.68 3.31
C CYS A 128 -3.70 0.26 3.04
N ALA A 129 -4.69 0.09 2.17
CA ALA A 129 -4.93 -1.21 1.53
C ALA A 129 -4.59 -1.15 0.05
N MET A 130 -4.12 -2.26 -0.48
CA MET A 130 -4.07 -2.44 -1.93
C MET A 130 -5.49 -2.71 -2.43
N ARG A 131 -6.02 -1.82 -3.29
CA ARG A 131 -7.39 -1.99 -3.77
C ARG A 131 -7.47 -3.16 -4.76
N PRO A 132 -8.67 -3.74 -4.95
CA PRO A 132 -8.82 -4.78 -5.99
C PRO A 132 -8.33 -4.35 -7.36
N ASN A 133 -8.37 -3.05 -7.68
CA ASN A 133 -7.88 -2.59 -8.98
C ASN A 133 -6.40 -2.18 -8.96
N PHE A 134 -5.65 -2.62 -7.94
CA PHE A 134 -4.20 -2.41 -7.79
C PHE A 134 -3.78 -0.94 -7.67
N THR A 135 -4.68 -0.06 -7.22
CA THR A 135 -4.28 1.28 -6.81
C THR A 135 -4.31 1.32 -5.28
N ILE A 136 -3.77 2.40 -4.72
CA ILE A 136 -3.95 2.67 -3.30
C ILE A 136 -4.47 4.09 -3.15
N LYS A 137 -5.28 4.30 -2.12
CA LYS A 137 -5.80 5.62 -1.85
C LYS A 137 -4.84 6.22 -0.82
N GLY A 138 -3.77 6.84 -1.32
CA GLY A 138 -2.72 7.36 -0.49
C GLY A 138 -2.86 8.85 -0.26
N SER A 139 -1.84 9.42 0.36
CA SER A 139 -1.73 10.87 0.52
C SER A 139 -0.29 11.19 0.17
N PHE A 140 -0.10 11.81 -0.99
CA PHE A 140 1.22 11.94 -1.60
C PHE A 140 1.27 13.27 -2.36
N LEU A 141 2.36 14.00 -2.18
CA LEU A 141 2.60 15.25 -2.89
C LEU A 141 3.83 15.09 -3.79
N ASN A 142 4.05 16.07 -4.67
CA ASN A 142 5.29 16.08 -5.44
C ASN A 142 6.49 15.94 -4.51
N GLY A 143 7.42 15.09 -4.88
CA GLY A 143 8.58 14.78 -4.07
C GLY A 143 8.47 13.49 -3.29
N SER A 144 7.29 12.86 -3.27
CA SER A 144 7.07 11.65 -2.49
C SER A 144 7.51 10.39 -3.23
N CYS A 145 7.84 10.50 -4.52
CA CYS A 145 8.33 9.36 -5.29
CA CYS A 145 8.31 9.35 -5.28
C CYS A 145 9.43 8.63 -4.54
N GLY A 146 9.35 7.29 -4.53
CA GLY A 146 10.29 6.50 -3.78
C GLY A 146 9.93 6.23 -2.32
N SER A 147 8.88 6.86 -1.77
CA SER A 147 8.43 6.46 -0.43
C SER A 147 7.99 5.01 -0.50
N VAL A 148 8.11 4.29 0.62
CA VAL A 148 7.88 2.85 0.63
C VAL A 148 6.77 2.45 1.57
N GLY A 149 6.18 1.30 1.24
CA GLY A 149 5.14 0.68 2.05
C GLY A 149 5.66 -0.65 2.56
N PHE A 150 5.20 -1.06 3.76
CA PHE A 150 5.84 -2.17 4.45
C PHE A 150 4.94 -2.74 5.53
N ASN A 151 5.26 -3.97 5.93
CA ASN A 151 4.72 -4.57 7.14
C ASN A 151 5.89 -5.01 8.02
N ILE A 152 5.66 -5.17 9.33
CA ILE A 152 6.69 -5.69 10.21
C ILE A 152 6.16 -6.97 10.83
N ASP A 153 6.95 -8.03 10.78
CA ASP A 153 6.44 -9.35 11.11
C ASP A 153 6.91 -9.85 12.46
N TYR A 154 8.17 -9.60 12.80
CA TYR A 154 8.52 -9.52 14.21
C TYR A 154 9.61 -8.49 14.40
N ASP A 155 10.85 -8.84 14.09
CA ASP A 155 11.90 -7.85 13.91
C ASP A 155 12.17 -7.57 12.43
N CYS A 156 11.37 -8.12 11.52
CA CYS A 156 11.68 -8.16 10.08
C CYS A 156 10.71 -7.27 9.30
N VAL A 157 11.26 -6.31 8.56
CA VAL A 157 10.48 -5.41 7.71
C VAL A 157 10.29 -6.09 6.36
N SER A 158 9.03 -6.36 5.99
CA SER A 158 8.70 -6.91 4.67
C SER A 158 8.30 -5.71 3.81
N PHE A 159 9.21 -5.26 2.94
CA PHE A 159 8.87 -4.14 2.06
C PHE A 159 7.98 -4.64 0.93
N CYS A 160 6.86 -3.95 0.68
CA CYS A 160 5.95 -4.39 -0.37
C CYS A 160 5.60 -3.36 -1.43
N TYR A 161 5.94 -2.08 -1.23
CA TYR A 161 5.48 -1.05 -2.15
C TYR A 161 6.53 0.06 -2.23
N MET A 162 6.77 0.53 -3.45
CA MET A 162 7.48 1.78 -3.68
C MET A 162 6.59 2.69 -4.52
N HIS A 163 6.41 3.92 -4.06
CA HIS A 163 5.50 4.85 -4.72
C HIS A 163 6.12 5.45 -5.97
N HIS A 164 5.34 5.50 -7.06
CA HIS A 164 5.76 6.10 -8.33
C HIS A 164 4.91 7.27 -8.77
N MET A 165 3.59 7.18 -8.73
CA MET A 165 2.85 8.21 -9.44
C MET A 165 1.41 8.34 -8.97
N GLU A 166 0.77 9.44 -9.40
CA GLU A 166 -0.62 9.69 -9.09
C GLU A 166 -1.44 9.63 -10.37
N LEU A 167 -2.55 8.91 -10.31
CA LEU A 167 -3.44 8.79 -11.45
C LEU A 167 -4.41 9.97 -11.46
N PRO A 168 -5.11 10.21 -12.58
CA PRO A 168 -5.99 11.38 -12.67
C PRO A 168 -7.07 11.44 -11.60
N THR A 169 -7.59 10.29 -11.13
CA THR A 169 -8.57 10.33 -10.05
C THR A 169 -7.94 10.66 -8.70
N GLY A 170 -6.64 10.91 -8.65
CA GLY A 170 -6.01 11.23 -7.39
C GLY A 170 -5.65 10.02 -6.55
N VAL A 171 -5.80 8.81 -7.10
CA VAL A 171 -5.31 7.60 -6.45
C VAL A 171 -3.89 7.33 -6.93
N HIS A 172 -3.23 6.34 -6.34
CA HIS A 172 -1.79 6.23 -6.47
C HIS A 172 -1.40 4.85 -6.99
N ALA A 173 -0.27 4.79 -7.70
CA ALA A 173 0.22 3.55 -8.28
C ALA A 173 1.72 3.46 -8.03
N GLY A 174 2.19 2.22 -7.88
CA GLY A 174 3.58 1.97 -7.62
C GLY A 174 3.96 0.53 -7.91
N THR A 175 5.14 0.14 -7.44
CA THR A 175 5.74 -1.14 -7.78
C THR A 175 6.03 -1.89 -6.49
N ASP A 176 6.32 -3.19 -6.64
CA ASP A 176 7.00 -3.89 -5.55
C ASP A 176 8.48 -3.50 -5.59
N LEU A 177 9.27 -4.03 -4.65
CA LEU A 177 10.66 -3.59 -4.59
C LEU A 177 11.56 -4.27 -5.62
N GLU A 178 11.06 -5.22 -6.40
CA GLU A 178 11.83 -5.58 -7.60
C GLU A 178 11.42 -4.79 -8.82
N GLY A 179 10.66 -3.71 -8.61
CA GLY A 179 10.33 -2.79 -9.69
C GLY A 179 9.18 -3.18 -10.58
N ASN A 180 8.38 -4.18 -10.20
CA ASN A 180 7.25 -4.61 -11.01
C ASN A 180 6.01 -3.88 -10.56
N PHE A 181 5.33 -3.19 -11.50
CA PHE A 181 4.14 -2.44 -11.11
C PHE A 181 3.03 -3.33 -10.54
N TYR A 182 2.32 -2.77 -9.55
CA TYR A 182 1.01 -3.30 -9.19
C TYR A 182 -0.01 -2.80 -10.21
N GLY A 183 -0.65 -3.71 -10.92
CA GLY A 183 -1.68 -3.32 -11.86
C GLY A 183 -1.13 -2.89 -13.21
N PRO A 184 -2.01 -2.50 -14.10
CA PRO A 184 -1.65 -2.30 -15.52
C PRO A 184 -1.17 -0.87 -15.79
N PHE A 185 -0.17 -0.43 -15.03
CA PHE A 185 0.29 0.96 -15.10
C PHE A 185 1.76 0.99 -15.49
N VAL A 186 2.18 2.13 -16.07
CA VAL A 186 3.55 2.31 -16.56
C VAL A 186 4.09 3.64 -16.07
N ASP A 187 5.41 3.73 -15.95
CA ASP A 187 6.04 4.92 -15.37
C ASP A 187 6.37 5.91 -16.50
N ARG A 188 5.28 6.41 -17.08
CA ARG A 188 5.36 7.52 -18.03
C ARG A 188 4.06 8.32 -17.91
N GLN A 189 4.16 9.63 -18.16
CA GLN A 189 3.04 10.54 -17.89
C GLN A 189 2.11 10.55 -19.10
N THR A 190 1.28 9.51 -19.16
CA THR A 190 0.24 9.34 -20.18
C THR A 190 -1.14 9.30 -19.53
N ALA A 191 -2.14 8.91 -20.31
CA ALA A 191 -3.54 8.96 -19.88
C ALA A 191 -4.00 7.60 -19.38
N GLN A 192 -3.34 7.13 -18.32
CA GLN A 192 -3.74 5.86 -17.73
C GLN A 192 -4.85 6.07 -16.73
N ALA A 193 -5.71 5.07 -16.62
CA ALA A 193 -6.83 5.15 -15.70
C ALA A 193 -6.96 3.85 -14.92
N ALA A 194 -7.32 3.98 -13.66
CA ALA A 194 -7.66 2.81 -12.86
C ALA A 194 -8.92 2.16 -13.41
N GLY A 195 -8.94 0.83 -13.41
CA GLY A 195 -10.17 0.11 -13.67
C GLY A 195 -11.17 0.28 -12.53
N THR A 196 -12.37 -0.27 -12.75
CA THR A 196 -13.41 -0.16 -11.74
C THR A 196 -13.01 -0.92 -10.48
N ASP A 197 -13.33 -0.37 -9.33
CA ASP A 197 -12.95 -1.01 -8.08
C ASP A 197 -14.13 -1.81 -7.50
N THR A 198 -13.82 -2.65 -6.52
CA THR A 198 -14.84 -3.36 -5.76
C THR A 198 -14.53 -3.26 -4.27
N THR A 199 -15.53 -3.57 -3.44
CA THR A 199 -15.35 -3.59 -1.98
C THR A 199 -14.84 -4.94 -1.52
N ILE A 200 -13.90 -4.93 -0.57
CA ILE A 200 -13.21 -6.15 -0.11
C ILE A 200 -14.08 -6.80 0.97
N THR A 201 -14.83 -7.83 0.60
CA THR A 201 -15.88 -8.38 1.47
C THR A 201 -15.31 -8.97 2.75
N VAL A 202 -14.28 -9.81 2.65
CA VAL A 202 -13.76 -10.44 3.86
C VAL A 202 -13.31 -9.37 4.85
N ASN A 203 -12.80 -8.25 4.35
CA ASN A 203 -12.37 -7.18 5.24
C ASN A 203 -13.56 -6.52 5.91
N VAL A 204 -14.64 -6.28 5.18
CA VAL A 204 -15.81 -5.66 5.82
C VAL A 204 -16.31 -6.57 6.94
N LEU A 205 -16.35 -7.89 6.71
CA LEU A 205 -16.76 -8.84 7.74
C LEU A 205 -15.83 -8.80 8.94
N ALA A 206 -14.50 -8.76 8.69
CA ALA A 206 -13.54 -8.66 9.78
C ALA A 206 -13.83 -7.43 10.65
N TRP A 207 -14.08 -6.29 10.00
CA TRP A 207 -14.34 -5.05 10.72
C TRP A 207 -15.64 -5.15 11.53
N LEU A 208 -16.66 -5.81 10.97
CA LEU A 208 -17.88 -6.03 11.75
C LEU A 208 -17.60 -6.87 13.00
N TYR A 209 -16.71 -7.88 12.89
CA TYR A 209 -16.30 -8.61 14.09
C TYR A 209 -15.56 -7.71 15.08
N ALA A 210 -14.66 -6.85 14.59
CA ALA A 210 -14.02 -5.89 15.49
C ALA A 210 -15.06 -5.05 16.23
N ALA A 211 -16.11 -4.65 15.52
CA ALA A 211 -17.14 -3.82 16.15
C ALA A 211 -17.80 -4.56 17.30
N VAL A 212 -18.15 -5.83 17.08
CA VAL A 212 -18.78 -6.64 18.11
C VAL A 212 -17.84 -6.81 19.31
N ILE A 213 -16.56 -7.12 19.04
CA ILE A 213 -15.56 -7.23 20.09
C ILE A 213 -15.50 -5.95 20.92
N ASN A 214 -15.78 -4.81 20.29
CA ASN A 214 -15.77 -3.52 20.96
C ASN A 214 -17.13 -3.08 21.49
N GLY A 215 -18.14 -3.95 21.48
CA GLY A 215 -19.43 -3.63 22.05
C GLY A 215 -20.44 -3.00 21.11
N ASP A 216 -20.12 -2.82 19.82
CA ASP A 216 -21.10 -2.37 18.84
C ASP A 216 -21.84 -3.60 18.32
N ARG A 217 -23.14 -3.72 18.66
CA ARG A 217 -23.89 -4.92 18.31
C ARG A 217 -25.23 -4.66 17.61
N TRP A 218 -25.59 -3.39 17.35
CA TRP A 218 -26.95 -3.09 16.93
C TRP A 218 -27.32 -3.70 15.57
N PHE A 219 -26.32 -3.93 14.69
CA PHE A 219 -26.56 -4.46 13.36
C PHE A 219 -26.72 -5.99 13.36
N LEU A 220 -26.55 -6.65 14.50
CA LEU A 220 -26.70 -8.09 14.56
C LEU A 220 -28.18 -8.49 14.47
N ASN A 221 -28.42 -9.68 13.92
CA ASN A 221 -29.78 -10.20 13.81
C ASN A 221 -29.76 -11.70 14.05
N ARG A 222 -30.96 -12.26 14.18
CA ARG A 222 -31.11 -13.69 14.41
C ARG A 222 -30.94 -14.51 13.14
N PHE A 223 -31.00 -13.86 11.98
CA PHE A 223 -31.01 -14.58 10.72
C PHE A 223 -29.63 -15.14 10.38
N THR A 224 -29.63 -16.13 9.50
CA THR A 224 -28.44 -16.60 8.84
C THR A 224 -28.76 -16.72 7.35
N THR A 225 -27.71 -16.74 6.55
CA THR A 225 -27.87 -16.87 5.11
C THR A 225 -26.91 -17.95 4.63
N THR A 226 -27.14 -18.44 3.42
CA THR A 226 -26.19 -19.36 2.83
C THR A 226 -25.11 -18.58 2.09
N LEU A 227 -23.94 -19.23 1.95
CA LEU A 227 -22.83 -18.60 1.25
C LEU A 227 -23.21 -18.16 -0.15
N ASN A 228 -24.12 -18.90 -0.80
CA ASN A 228 -24.47 -18.56 -2.17
C ASN A 228 -25.52 -17.45 -2.23
N ASP A 229 -26.53 -17.48 -1.35
CA ASP A 229 -27.48 -16.36 -1.33
C ASP A 229 -26.83 -15.07 -0.89
N PHE A 230 -25.79 -15.15 -0.06
CA PHE A 230 -25.01 -13.96 0.24
C PHE A 230 -24.27 -13.47 -1.00
N ASN A 231 -23.48 -14.36 -1.62
CA ASN A 231 -22.70 -13.98 -2.81
C ASN A 231 -23.59 -13.43 -3.91
N LEU A 232 -24.84 -13.84 -3.96
CA LEU A 232 -25.77 -13.25 -4.92
C LEU A 232 -26.08 -11.81 -4.57
N VAL A 233 -26.21 -11.49 -3.28
CA VAL A 233 -26.45 -10.10 -2.88
C VAL A 233 -25.18 -9.28 -3.04
N ALA A 234 -24.02 -9.89 -2.80
CA ALA A 234 -22.74 -9.16 -2.89
C ALA A 234 -22.53 -8.57 -4.28
N MET A 235 -22.83 -9.34 -5.32
CA MET A 235 -22.59 -8.86 -6.68
C MET A 235 -23.38 -7.58 -6.97
N LYS A 236 -24.62 -7.48 -6.50
CA LYS A 236 -25.44 -6.30 -6.82
C LYS A 236 -24.85 -5.04 -6.21
N TYR A 237 -24.19 -5.16 -5.07
CA TYR A 237 -23.61 -4.00 -4.40
C TYR A 237 -22.11 -3.85 -4.67
N ASN A 238 -21.59 -4.53 -5.68
CA ASN A 238 -20.19 -4.36 -6.08
C ASN A 238 -19.24 -4.81 -4.96
N TYR A 239 -19.56 -5.94 -4.34
CA TYR A 239 -18.75 -6.58 -3.34
C TYR A 239 -18.13 -7.83 -3.96
N GLU A 240 -16.93 -8.17 -3.53
CA GLU A 240 -16.30 -9.39 -4.00
C GLU A 240 -17.04 -10.60 -3.46
N PRO A 241 -17.03 -11.71 -4.21
CA PRO A 241 -17.58 -12.95 -3.68
C PRO A 241 -16.77 -13.44 -2.49
N LEU A 242 -17.48 -14.07 -1.56
CA LEU A 242 -16.89 -14.67 -0.39
C LEU A 242 -16.58 -16.12 -0.68
N THR A 243 -15.38 -16.56 -0.35
CA THR A 243 -14.98 -17.94 -0.54
C THR A 243 -14.97 -18.68 0.80
N GLN A 244 -14.91 -20.01 0.70
CA GLN A 244 -14.74 -20.82 1.90
C GLN A 244 -13.40 -20.55 2.56
N ASP A 245 -12.36 -20.23 1.76
CA ASP A 245 -11.10 -19.79 2.34
C ASP A 245 -11.33 -18.60 3.28
N HIS A 246 -12.14 -17.64 2.83
CA HIS A 246 -12.42 -16.44 3.62
C HIS A 246 -13.18 -16.79 4.90
N VAL A 247 -14.18 -17.68 4.79
CA VAL A 247 -14.87 -18.17 5.98
C VAL A 247 -13.86 -18.76 6.95
N ASP A 248 -12.92 -19.56 6.44
CA ASP A 248 -11.90 -20.15 7.29
C ASP A 248 -11.04 -19.08 7.95
N ILE A 249 -10.60 -18.07 7.16
CA ILE A 249 -9.81 -16.97 7.69
C ILE A 249 -10.51 -16.33 8.86
N LEU A 250 -11.83 -16.15 8.75
CA LEU A 250 -12.63 -15.49 9.77
C LEU A 250 -12.95 -16.40 10.96
N GLY A 251 -12.51 -17.66 10.93
CA GLY A 251 -12.78 -18.63 11.96
C GLY A 251 -12.50 -18.14 13.38
N PRO A 252 -11.24 -17.79 13.67
CA PRO A 252 -10.91 -17.32 15.02
C PRO A 252 -11.78 -16.17 15.51
N LEU A 253 -12.12 -15.22 14.64
CA LEU A 253 -12.95 -14.11 15.05
C LEU A 253 -14.38 -14.55 15.34
N SER A 254 -14.92 -15.47 14.54
CA SER A 254 -16.23 -16.02 14.85
C SER A 254 -16.21 -16.84 16.14
N ALA A 255 -15.07 -17.49 16.44
CA ALA A 255 -14.98 -18.25 17.68
C ALA A 255 -14.95 -17.31 18.87
N GLN A 256 -14.17 -16.23 18.78
CA GLN A 256 -14.04 -15.30 19.90
C GLN A 256 -15.36 -14.61 20.22
N THR A 257 -16.19 -14.35 19.22
CA THR A 257 -17.45 -13.64 19.39
C THR A 257 -18.67 -14.55 19.47
N GLY A 258 -18.53 -15.82 19.09
CA GLY A 258 -19.66 -16.72 19.05
C GLY A 258 -20.68 -16.40 17.98
N ILE A 259 -20.26 -15.74 16.90
CA ILE A 259 -21.16 -15.39 15.81
C ILE A 259 -20.64 -16.08 14.56
N ALA A 260 -21.40 -17.03 14.04
CA ALA A 260 -20.97 -17.76 12.85
C ALA A 260 -20.76 -16.79 11.70
N VAL A 261 -19.83 -17.13 10.81
CA VAL A 261 -19.55 -16.26 9.66
C VAL A 261 -20.84 -16.02 8.88
N LEU A 262 -21.59 -17.08 8.56
CA LEU A 262 -22.81 -16.90 7.78
C LEU A 262 -23.87 -16.12 8.55
N ASP A 263 -23.79 -16.14 9.88
CA ASP A 263 -24.61 -15.27 10.71
C ASP A 263 -24.23 -13.81 10.49
N MET A 264 -22.94 -13.50 10.51
CA MET A 264 -22.51 -12.13 10.25
C MET A 264 -22.80 -11.72 8.81
N CYS A 265 -22.71 -12.65 7.86
CA CYS A 265 -23.09 -12.34 6.49
C CYS A 265 -24.54 -11.87 6.39
N ALA A 266 -25.44 -12.46 7.19
CA ALA A 266 -26.82 -12.01 7.17
C ALA A 266 -26.96 -10.57 7.64
N SER A 267 -26.12 -10.14 8.59
CA SER A 267 -26.14 -8.74 9.01
C SER A 267 -25.63 -7.83 7.90
N LEU A 268 -24.54 -8.24 7.25
CA LEU A 268 -24.01 -7.44 6.14
C LEU A 268 -25.06 -7.28 5.03
N LYS A 269 -25.75 -8.36 4.67
CA LYS A 269 -26.82 -8.27 3.68
C LYS A 269 -27.85 -7.21 4.06
N GLU A 270 -28.28 -7.18 5.33
CA GLU A 270 -29.30 -6.22 5.72
C GLU A 270 -28.78 -4.79 5.69
N LEU A 271 -27.52 -4.59 6.13
CA LEU A 271 -26.91 -3.26 6.05
C LEU A 271 -26.84 -2.78 4.62
N LEU A 272 -26.49 -3.68 3.69
CA LEU A 272 -26.40 -3.30 2.28
C LEU A 272 -27.77 -2.92 1.74
N GLN A 273 -28.83 -3.62 2.17
CA GLN A 273 -30.16 -3.38 1.61
C GLN A 273 -30.88 -2.21 2.25
N ASN A 274 -30.60 -1.91 3.52
CA ASN A 274 -31.32 -0.84 4.22
C ASN A 274 -30.43 0.30 4.70
N GLY A 275 -29.11 0.19 4.56
CA GLY A 275 -28.26 1.25 5.09
C GLY A 275 -28.17 1.16 6.61
N MET A 276 -27.64 2.24 7.20
CA MET A 276 -27.45 2.31 8.64
C MET A 276 -28.52 3.14 9.35
N ASN A 277 -29.27 3.96 8.61
CA ASN A 277 -30.33 4.81 9.13
C ASN A 277 -29.86 5.62 10.34
N GLY A 278 -28.85 6.44 10.10
CA GLY A 278 -28.40 7.42 11.07
C GLY A 278 -27.45 6.92 12.13
N ARG A 279 -27.15 5.62 12.15
CA ARG A 279 -26.26 5.06 13.16
C ARG A 279 -24.85 4.88 12.59
N THR A 280 -23.94 4.52 13.48
CA THR A 280 -22.54 4.34 13.14
C THR A 280 -22.03 3.03 13.70
N ILE A 281 -20.95 2.55 13.10
CA ILE A 281 -20.25 1.34 13.54
C ILE A 281 -18.79 1.73 13.72
N LEU A 282 -18.26 1.52 14.92
CA LEU A 282 -16.87 1.89 15.24
C LEU A 282 -16.53 3.29 14.75
N GLY A 283 -17.46 4.22 14.94
CA GLY A 283 -17.22 5.60 14.58
C GLY A 283 -17.45 5.96 13.13
N SER A 284 -17.85 5.00 12.28
CA SER A 284 -17.98 5.27 10.85
C SER A 284 -19.44 5.11 10.41
N ALA A 285 -19.86 5.94 9.45
CA ALA A 285 -21.18 5.79 8.86
C ALA A 285 -21.12 4.99 7.56
N LEU A 286 -19.97 4.44 7.23
CA LEU A 286 -19.77 3.61 6.04
C LEU A 286 -19.22 2.26 6.43
N LEU A 287 -19.47 1.25 5.60
CA LEU A 287 -18.86 -0.05 5.83
C LEU A 287 -17.40 0.02 5.42
N GLU A 288 -16.50 -0.25 6.35
CA GLU A 288 -15.06 -0.07 6.16
C GLU A 288 -14.39 -1.36 5.67
N ASP A 289 -13.57 -1.25 4.62
CA ASP A 289 -13.02 -2.47 4.06
C ASP A 289 -11.49 -2.47 4.02
N GLU A 290 -10.82 -1.60 4.78
CA GLU A 290 -9.36 -1.60 4.74
C GLU A 290 -8.73 -2.19 6.01
N PHE A 291 -9.43 -3.08 6.70
CA PHE A 291 -8.83 -3.87 7.79
C PHE A 291 -8.93 -5.35 7.45
N THR A 292 -7.79 -6.05 7.43
CA THR A 292 -7.84 -7.50 7.20
C THR A 292 -8.24 -8.23 8.48
N PRO A 293 -8.63 -9.50 8.37
CA PRO A 293 -8.80 -10.32 9.58
C PRO A 293 -7.58 -10.30 10.49
N PHE A 294 -6.37 -10.31 9.91
CA PHE A 294 -5.15 -10.26 10.71
C PHE A 294 -5.03 -8.94 11.47
N ASP A 295 -5.31 -7.80 10.79
CA ASP A 295 -5.29 -6.50 11.45
C ASP A 295 -6.22 -6.48 12.65
N VAL A 296 -7.42 -7.05 12.50
CA VAL A 296 -8.41 -7.04 13.58
C VAL A 296 -7.91 -7.84 14.77
N VAL A 297 -7.41 -9.06 14.52
CA VAL A 297 -6.94 -9.91 15.62
C VAL A 297 -5.78 -9.25 16.36
N ARG A 298 -4.85 -8.66 15.61
CA ARG A 298 -3.68 -8.05 16.21
C ARG A 298 -4.06 -6.86 17.10
N GLN A 299 -5.03 -6.06 16.65
CA GLN A 299 -5.37 -4.87 17.42
C GLN A 299 -6.36 -5.17 18.55
N CYS A 300 -7.28 -6.11 18.34
CA CYS A 300 -8.28 -6.43 19.36
C CYS A 300 -7.73 -7.42 20.40
N THR B 5 -6.37 14.68 -18.74
CA THR B 5 -5.73 14.31 -17.47
C THR B 5 -4.62 13.27 -17.68
N PHE B 6 -3.41 13.62 -17.29
CA PHE B 6 -2.24 12.75 -17.41
C PHE B 6 -1.74 12.34 -16.03
N THR B 7 -1.05 11.20 -15.99
CA THR B 7 -0.44 10.72 -14.76
C THR B 7 0.72 11.63 -14.35
N ARG B 8 1.03 11.61 -13.05
CA ARG B 8 2.06 12.47 -12.48
C ARG B 8 3.08 11.62 -11.76
N LEU B 9 4.29 11.50 -12.33
CA LEU B 9 5.43 10.91 -11.63
C LEU B 9 5.93 11.91 -10.59
N GLN B 10 5.66 11.63 -9.30
CA GLN B 10 5.76 12.63 -8.24
C GLN B 10 7.17 12.81 -7.69
N SER B 11 8.14 12.95 -8.59
CA SER B 11 9.47 13.41 -8.20
C SER B 11 9.42 14.92 -7.96
N LEU B 12 10.56 15.49 -7.56
CA LEU B 12 10.64 16.93 -7.32
C LEU B 12 11.71 17.61 -8.19
#